data_3PZE
#
_entry.id   3PZE
#
_cell.length_a   49.586
_cell.length_b   71.378
_cell.length_c   106.731
_cell.angle_alpha   90.000
_cell.angle_beta   90.000
_cell.angle_gamma   90.000
#
_symmetry.space_group_name_H-M   'P 21 21 21'
#
loop_
_entity.id
_entity.type
_entity.pdbx_description
1 polymer 'Mitogen-activated protein kinase 8'
2 non-polymer 'SULFATE ION'
3 non-polymer 3-(carbamoylamino)-5-phenylthiophene-2-carboxamide
4 water water
#
_entity_poly.entity_id   1
_entity_poly.type   'polypeptide(L)'
_entity_poly.pdbx_seq_one_letter_code
;DNNFYSVEIGDSTFTVLKRYQNLKPIGSGAQGIVCAAYDAILERNVAIKKLSRPFQNQTHAKRAYRELVLMKCVNHKNII
GLLNVFTPQKSLEEFQDVYIVMELMDANLCQVIQMELDHERMSYLLYQMLCGIKHLHSAGIIHRDLKPSNIVVKSDCTLK
ILDFGLARTAGTSFMMTPYVVTRYYRAPEVILGMGYKENVDLWSVGCIMGEMVCHKILFPGRDYIDQWNKVIEQLGTPCP
EFMKKLQPTVRTYVENRPKYAGYSFEKLFPDVLFPADSEHNKLKASQARDLLSKMLVIDASKRISVDEALQHPYINVWYD
PSEAEAPPPKIPDKQLDEREHTIEEWKELIYKEVMDLE
;
_entity_poly.pdbx_strand_id   A
#
loop_
_chem_comp.id
_chem_comp.type
_chem_comp.name
_chem_comp.formula
CFK non-polymer 3-(carbamoylamino)-5-phenylthiophene-2-carboxamide 'C12 H11 N3 O2 S'
SO4 non-polymer 'SULFATE ION' 'O4 S -2'
#
# COMPACT_ATOMS: atom_id res chain seq x y z
N ASP A 1 20.19 -22.90 -17.62
CA ASP A 1 19.31 -23.91 -18.19
C ASP A 1 19.22 -23.72 -19.72
N ASN A 2 18.18 -24.30 -20.35
CA ASN A 2 17.84 -24.16 -21.76
C ASN A 2 16.65 -23.17 -21.83
N ASN A 3 15.96 -22.96 -20.68
CA ASN A 3 14.80 -22.05 -20.57
C ASN A 3 15.19 -20.76 -19.87
N PHE A 4 16.42 -20.71 -19.30
CA PHE A 4 16.90 -19.57 -18.51
C PHE A 4 18.24 -19.00 -18.95
N TYR A 5 18.47 -17.72 -18.60
CA TYR A 5 19.71 -16.98 -18.80
C TYR A 5 19.97 -16.05 -17.63
N SER A 6 21.23 -15.68 -17.43
CA SER A 6 21.63 -14.81 -16.32
C SER A 6 22.26 -13.52 -16.75
N VAL A 7 21.83 -12.43 -16.12
CA VAL A 7 22.30 -11.06 -16.26
C VAL A 7 22.61 -10.52 -14.85
N GLU A 8 23.66 -9.72 -14.74
CA GLU A 8 24.07 -9.07 -13.50
C GLU A 8 23.33 -7.76 -13.38
N ILE A 9 22.56 -7.60 -12.29
CA ILE A 9 21.81 -6.41 -11.96
C ILE A 9 22.44 -5.86 -10.67
N GLY A 10 23.48 -5.06 -10.84
CA GLY A 10 24.26 -4.51 -9.73
C GLY A 10 25.17 -5.60 -9.20
N ASP A 11 24.98 -5.96 -7.92
CA ASP A 11 25.74 -7.03 -7.26
C ASP A 11 24.88 -8.30 -7.16
N SER A 12 23.73 -8.30 -7.87
CA SER A 12 22.73 -9.35 -7.86
C SER A 12 22.61 -10.06 -9.21
N THR A 13 22.28 -11.35 -9.18
CA THR A 13 22.10 -12.13 -10.40
C THR A 13 20.60 -12.38 -10.65
N PHE A 14 20.12 -11.96 -11.81
CA PHE A 14 18.76 -12.21 -12.24
C PHE A 14 18.84 -13.35 -13.23
N THR A 15 18.29 -14.52 -12.88
CA THR A 15 18.23 -15.72 -13.71
C THR A 15 16.76 -15.82 -14.11
N VAL A 16 16.43 -15.39 -15.33
CA VAL A 16 15.06 -15.29 -15.82
C VAL A 16 14.79 -16.16 -17.04
N LEU A 17 13.49 -16.45 -17.28
CA LEU A 17 13.03 -17.15 -18.50
C LEU A 17 13.40 -16.28 -19.72
N LYS A 18 13.92 -16.92 -20.79
CA LYS A 18 14.39 -16.29 -22.02
C LYS A 18 13.37 -15.36 -22.67
N ARG A 19 12.05 -15.58 -22.43
CA ARG A 19 10.99 -14.68 -22.90
C ARG A 19 11.18 -13.22 -22.38
N TYR A 20 11.86 -13.04 -21.23
CA TYR A 20 12.09 -11.73 -20.60
C TYR A 20 13.45 -11.18 -20.98
N GLN A 21 13.44 -10.06 -21.68
CA GLN A 21 14.66 -9.46 -22.22
C GLN A 21 14.85 -8.03 -21.78
N ASN A 22 16.08 -7.50 -21.99
CA ASN A 22 16.46 -6.12 -21.71
C ASN A 22 16.11 -5.73 -20.29
N LEU A 23 16.58 -6.51 -19.29
CA LEU A 23 16.28 -6.22 -17.87
C LEU A 23 16.89 -4.91 -17.48
N LYS A 24 16.16 -4.08 -16.71
CA LYS A 24 16.60 -2.76 -16.27
C LYS A 24 16.16 -2.60 -14.79
N PRO A 25 17.06 -2.29 -13.83
CA PRO A 25 16.59 -2.09 -12.45
C PRO A 25 15.74 -0.84 -12.33
N ILE A 26 14.57 -0.96 -11.67
CA ILE A 26 13.67 0.16 -11.45
C ILE A 26 13.48 0.44 -9.97
N GLY A 27 13.86 -0.52 -9.14
CA GLY A 27 13.71 -0.39 -7.70
C GLY A 27 14.18 -1.57 -6.88
N SER A 28 14.16 -1.37 -5.57
CA SER A 28 14.57 -2.33 -4.57
C SER A 28 13.66 -2.24 -3.34
N GLY A 29 13.55 -3.34 -2.65
CA GLY A 29 12.80 -3.44 -1.40
C GLY A 29 13.58 -4.34 -0.47
N ALA A 30 13.03 -4.59 0.74
CA ALA A 30 13.64 -5.49 1.72
C ALA A 30 13.57 -6.93 1.18
N GLN A 31 12.51 -7.25 0.40
CA GLN A 31 12.27 -8.55 -0.25
C GLN A 31 13.31 -8.84 -1.33
N GLY A 32 13.51 -7.88 -2.24
CA GLY A 32 14.46 -7.98 -3.34
C GLY A 32 14.41 -6.81 -4.33
N ILE A 33 15.10 -6.98 -5.45
CA ILE A 33 15.24 -6.02 -6.54
C ILE A 33 14.10 -6.24 -7.54
N VAL A 34 13.69 -5.17 -8.22
CA VAL A 34 12.66 -5.21 -9.23
C VAL A 34 13.28 -4.71 -10.54
N CYS A 35 13.07 -5.44 -11.63
CA CYS A 35 13.55 -5.05 -12.95
C CYS A 35 12.40 -4.80 -13.87
N ALA A 36 12.53 -3.80 -14.76
CA ALA A 36 11.60 -3.63 -15.89
C ALA A 36 12.20 -4.63 -16.92
N ALA A 37 11.35 -5.24 -17.74
CA ALA A 37 11.86 -6.16 -18.76
C ALA A 37 10.89 -6.18 -19.87
N TYR A 38 11.33 -6.65 -21.04
CA TYR A 38 10.43 -6.81 -22.17
C TYR A 38 10.03 -8.26 -22.27
N ASP A 39 8.71 -8.54 -22.26
CA ASP A 39 8.28 -9.91 -22.44
C ASP A 39 8.05 -10.14 -23.97
N ALA A 40 8.95 -10.90 -24.63
CA ALA A 40 8.90 -11.17 -26.08
C ALA A 40 7.72 -11.97 -26.57
N ILE A 41 7.04 -12.69 -25.67
CA ILE A 41 5.87 -13.51 -26.00
C ILE A 41 4.64 -12.61 -26.03
N LEU A 42 4.35 -11.93 -24.89
CA LEU A 42 3.22 -11.01 -24.77
C LEU A 42 3.45 -9.73 -25.54
N GLU A 43 4.71 -9.42 -25.91
CA GLU A 43 5.13 -8.21 -26.62
C GLU A 43 4.76 -6.95 -25.83
N ARG A 44 5.05 -6.98 -24.53
CA ARG A 44 4.78 -5.85 -23.63
C ARG A 44 5.81 -5.84 -22.53
N ASN A 45 6.03 -4.66 -21.95
CA ASN A 45 6.96 -4.51 -20.83
C ASN A 45 6.36 -5.05 -19.53
N VAL A 46 7.20 -5.65 -18.70
CA VAL A 46 6.78 -6.24 -17.44
C VAL A 46 7.69 -5.78 -16.32
N ALA A 47 7.28 -6.07 -15.08
CA ALA A 47 8.13 -5.85 -13.93
C ALA A 47 8.37 -7.24 -13.35
N ILE A 48 9.63 -7.55 -13.02
CA ILE A 48 10.05 -8.86 -12.45
C ILE A 48 10.69 -8.56 -11.12
N LYS A 49 10.10 -9.09 -10.04
CA LYS A 49 10.61 -8.93 -8.68
C LYS A 49 11.32 -10.22 -8.27
N LYS A 50 12.58 -10.11 -7.90
CA LYS A 50 13.32 -11.29 -7.47
C LYS A 50 13.22 -11.37 -5.93
N LEU A 51 12.67 -12.49 -5.40
CA LEU A 51 12.61 -12.75 -3.96
C LEU A 51 13.73 -13.77 -3.67
N SER A 52 14.87 -13.29 -3.10
CA SER A 52 16.03 -14.12 -2.73
C SER A 52 15.72 -14.83 -1.41
N ARG A 53 15.90 -16.16 -1.39
CA ARG A 53 15.63 -17.02 -0.24
C ARG A 53 14.43 -16.47 0.59
N PRO A 54 13.17 -16.43 0.04
CA PRO A 54 12.06 -15.82 0.81
C PRO A 54 11.72 -16.51 2.13
N PHE A 55 12.00 -17.80 2.21
CA PHE A 55 11.80 -18.64 3.39
C PHE A 55 12.87 -18.38 4.46
N GLN A 56 13.82 -17.42 4.21
CA GLN A 56 14.94 -17.14 5.11
C GLN A 56 14.57 -16.85 6.59
N ASN A 57 13.47 -16.12 6.80
CA ASN A 57 12.96 -15.86 8.15
C ASN A 57 11.44 -15.76 8.05
N GLN A 58 10.73 -15.93 9.17
CA GLN A 58 9.25 -15.92 9.21
C GLN A 58 8.60 -14.65 8.66
N THR A 59 9.25 -13.49 8.79
CA THR A 59 8.74 -12.20 8.31
C THR A 59 8.70 -12.17 6.76
N HIS A 60 9.84 -12.50 6.11
CA HIS A 60 9.97 -12.58 4.65
C HIS A 60 9.06 -13.65 4.12
N ALA A 61 9.01 -14.81 4.80
CA ALA A 61 8.26 -16.00 4.40
C ALA A 61 6.77 -15.75 4.33
N LYS A 62 6.16 -15.23 5.43
CA LYS A 62 4.74 -14.87 5.58
C LYS A 62 4.38 -13.87 4.49
N ARG A 63 5.23 -12.87 4.28
CA ARG A 63 5.04 -11.84 3.26
C ARG A 63 5.07 -12.43 1.86
N ALA A 64 6.09 -13.28 1.55
CA ALA A 64 6.22 -13.94 0.24
C ALA A 64 5.05 -14.85 -0.02
N TYR A 65 4.63 -15.64 1.01
CA TYR A 65 3.49 -16.57 0.90
C TYR A 65 2.17 -15.86 0.67
N ARG A 66 1.90 -14.79 1.41
CA ARG A 66 0.71 -13.93 1.32
C ARG A 66 0.65 -13.26 -0.08
N GLU A 67 1.80 -12.72 -0.55
CA GLU A 67 1.94 -12.12 -1.87
C GLU A 67 1.55 -13.10 -2.98
N LEU A 68 2.18 -14.28 -3.00
CA LEU A 68 1.89 -15.36 -3.96
C LEU A 68 0.42 -15.78 -3.95
N VAL A 69 -0.13 -16.13 -2.78
CA VAL A 69 -1.51 -16.60 -2.62
C VAL A 69 -2.54 -15.54 -3.11
N LEU A 70 -2.47 -14.32 -2.55
CA LEU A 70 -3.38 -13.23 -2.88
C LEU A 70 -3.30 -12.74 -4.32
N MET A 71 -2.10 -12.68 -4.91
CA MET A 71 -1.91 -12.29 -6.32
C MET A 71 -2.51 -13.30 -7.29
N LYS A 72 -2.61 -14.58 -6.85
CA LYS A 72 -3.13 -15.69 -7.67
C LYS A 72 -4.67 -15.78 -7.63
N CYS A 73 -5.29 -15.26 -6.55
CA CYS A 73 -6.74 -15.33 -6.36
C CYS A 73 -7.50 -13.99 -6.55
N VAL A 74 -6.79 -12.86 -6.63
CA VAL A 74 -7.36 -11.53 -6.79
C VAL A 74 -7.25 -11.12 -8.27
N ASN A 75 -8.36 -10.67 -8.84
CA ASN A 75 -8.41 -10.14 -10.18
C ASN A 75 -9.28 -8.87 -10.15
N HIS A 76 -8.63 -7.73 -9.86
CA HIS A 76 -9.25 -6.43 -9.77
C HIS A 76 -8.30 -5.46 -10.46
N LYS A 77 -8.85 -4.55 -11.28
CA LYS A 77 -8.11 -3.53 -12.01
C LYS A 77 -7.24 -2.61 -11.14
N ASN A 78 -7.55 -2.48 -9.83
CA ASN A 78 -6.76 -1.61 -8.91
C ASN A 78 -5.82 -2.33 -7.98
N ILE A 79 -5.63 -3.64 -8.19
CA ILE A 79 -4.69 -4.49 -7.46
C ILE A 79 -3.71 -5.04 -8.54
N ILE A 80 -2.39 -4.96 -8.30
CA ILE A 80 -1.44 -5.45 -9.29
C ILE A 80 -1.66 -6.94 -9.59
N GLY A 81 -1.83 -7.25 -10.86
CA GLY A 81 -2.07 -8.63 -11.28
C GLY A 81 -0.80 -9.42 -11.48
N LEU A 82 -0.87 -10.74 -11.30
CA LEU A 82 0.25 -11.67 -11.48
C LEU A 82 0.26 -12.16 -12.95
N LEU A 83 1.32 -11.87 -13.70
CA LEU A 83 1.40 -12.34 -15.10
C LEU A 83 2.05 -13.69 -15.14
N ASN A 84 3.05 -13.91 -14.24
CA ASN A 84 3.83 -15.14 -14.16
C ASN A 84 4.56 -15.23 -12.84
N VAL A 85 5.03 -16.43 -12.55
CA VAL A 85 5.84 -16.76 -11.39
C VAL A 85 6.73 -17.95 -11.77
N PHE A 86 8.01 -17.84 -11.46
CA PHE A 86 8.91 -18.95 -11.70
C PHE A 86 10.04 -18.98 -10.68
N THR A 87 10.79 -20.09 -10.71
CA THR A 87 12.05 -20.30 -10.02
C THR A 87 13.03 -20.94 -11.02
N PRO A 88 14.28 -20.46 -11.12
CA PRO A 88 15.26 -21.12 -12.01
C PRO A 88 15.74 -22.47 -11.44
N GLN A 89 15.60 -22.67 -10.11
CA GLN A 89 16.04 -23.87 -9.44
C GLN A 89 15.18 -25.06 -9.79
N LYS A 90 15.85 -26.17 -10.12
CA LYS A 90 15.30 -27.44 -10.61
C LYS A 90 14.60 -28.33 -9.58
N SER A 91 14.80 -28.07 -8.27
CA SER A 91 14.22 -28.90 -7.21
C SER A 91 14.08 -28.14 -5.91
N LEU A 92 13.38 -28.76 -4.93
CA LEU A 92 13.19 -28.24 -3.58
C LEU A 92 14.51 -28.04 -2.85
N GLU A 93 15.44 -28.97 -3.00
CA GLU A 93 16.76 -28.97 -2.35
C GLU A 93 17.60 -27.79 -2.83
N GLU A 94 17.55 -27.53 -4.15
CA GLU A 94 18.27 -26.43 -4.79
C GLU A 94 17.49 -25.11 -4.69
N PHE A 95 16.14 -25.17 -4.49
CA PHE A 95 15.23 -24.01 -4.41
C PHE A 95 15.74 -22.87 -3.56
N GLN A 96 15.88 -21.71 -4.19
CA GLN A 96 16.46 -20.52 -3.57
C GLN A 96 15.64 -19.26 -3.80
N ASP A 97 15.37 -18.94 -5.08
CA ASP A 97 14.72 -17.68 -5.47
C ASP A 97 13.39 -17.86 -6.13
N VAL A 98 12.49 -16.87 -5.93
CA VAL A 98 11.16 -16.79 -6.53
C VAL A 98 11.13 -15.51 -7.35
N TYR A 99 10.64 -15.59 -8.58
CA TYR A 99 10.51 -14.43 -9.45
C TYR A 99 9.04 -14.16 -9.77
N ILE A 100 8.55 -13.00 -9.41
CA ILE A 100 7.15 -12.62 -9.65
C ILE A 100 7.13 -11.60 -10.76
N VAL A 101 6.36 -11.92 -11.85
CA VAL A 101 6.18 -11.07 -13.04
C VAL A 101 4.80 -10.42 -12.95
N MET A 102 4.79 -9.10 -13.05
CA MET A 102 3.61 -8.23 -12.96
C MET A 102 3.60 -7.30 -14.14
N GLU A 103 2.48 -6.62 -14.36
CA GLU A 103 2.35 -5.61 -15.42
C GLU A 103 3.23 -4.44 -15.04
N LEU A 104 3.92 -3.83 -16.02
CA LEU A 104 4.78 -2.70 -15.72
C LEU A 104 3.99 -1.41 -15.70
N MET A 105 4.09 -0.64 -14.61
CA MET A 105 3.43 0.65 -14.50
C MET A 105 4.49 1.75 -14.68
N ASP A 106 4.09 2.94 -15.10
CA ASP A 106 4.99 4.05 -15.41
C ASP A 106 5.66 4.74 -14.27
N ALA A 107 5.02 4.76 -13.10
CA ALA A 107 5.58 5.44 -11.94
C ALA A 107 4.92 4.98 -10.68
N ASN A 108 5.50 5.33 -9.54
CA ASN A 108 4.90 5.09 -8.27
C ASN A 108 4.38 6.45 -7.78
N LEU A 109 3.56 6.46 -6.73
CA LEU A 109 2.94 7.67 -6.23
C LEU A 109 3.92 8.70 -5.65
N CYS A 110 5.13 8.28 -5.21
CA CYS A 110 6.16 9.20 -4.68
C CYS A 110 6.44 10.27 -5.75
N GLN A 111 6.48 9.83 -7.02
CA GLN A 111 6.73 10.67 -8.20
C GLN A 111 5.51 11.56 -8.49
N VAL A 112 4.29 11.00 -8.40
CA VAL A 112 3.03 11.76 -8.60
C VAL A 112 2.91 12.88 -7.54
N ILE A 113 3.27 12.58 -6.28
CA ILE A 113 3.28 13.52 -5.15
C ILE A 113 4.12 14.77 -5.43
N GLN A 114 5.13 14.66 -6.30
CA GLN A 114 5.99 15.78 -6.67
C GLN A 114 5.38 16.59 -7.85
N MET A 115 4.10 16.32 -8.16
CA MET A 115 3.37 17.03 -9.20
C MET A 115 2.12 17.62 -8.60
N GLU A 116 1.71 18.75 -9.14
CA GLU A 116 0.46 19.41 -8.85
C GLU A 116 -0.51 18.65 -9.75
N LEU A 117 -1.62 18.21 -9.18
CA LEU A 117 -2.61 17.48 -9.96
C LEU A 117 -3.90 18.27 -10.07
N ASP A 118 -4.57 18.21 -11.23
CA ASP A 118 -5.91 18.83 -11.39
C ASP A 118 -6.88 17.90 -10.63
N HIS A 119 -8.06 18.38 -10.17
CA HIS A 119 -8.99 17.55 -9.39
C HIS A 119 -9.51 16.29 -10.08
N GLU A 120 -9.63 16.31 -11.41
CA GLU A 120 -10.07 15.16 -12.16
C GLU A 120 -9.09 13.97 -11.96
N ARG A 121 -7.77 14.21 -12.10
CA ARG A 121 -6.71 13.20 -11.89
C ARG A 121 -6.62 12.87 -10.42
N MET A 122 -6.58 13.90 -9.55
CA MET A 122 -6.49 13.63 -8.12
C MET A 122 -7.62 12.77 -7.63
N SER A 123 -8.89 13.16 -7.92
CA SER A 123 -10.06 12.39 -7.46
C SER A 123 -10.12 11.01 -8.10
N TYR A 124 -9.68 10.86 -9.39
CA TYR A 124 -9.67 9.55 -10.05
C TYR A 124 -8.61 8.64 -9.41
N LEU A 125 -7.41 9.15 -9.09
CA LEU A 125 -6.39 8.31 -8.40
C LEU A 125 -6.93 7.86 -7.03
N LEU A 126 -7.51 8.81 -6.29
CA LEU A 126 -8.06 8.47 -4.97
C LEU A 126 -9.19 7.45 -5.02
N TYR A 127 -10.11 7.58 -6.00
CA TYR A 127 -11.21 6.65 -6.23
C TYR A 127 -10.68 5.23 -6.43
N GLN A 128 -9.64 5.07 -7.26
CA GLN A 128 -9.00 3.77 -7.57
C GLN A 128 -8.34 3.14 -6.36
N MET A 129 -7.71 3.96 -5.53
CA MET A 129 -7.09 3.50 -4.29
C MET A 129 -8.15 2.89 -3.38
N LEU A 130 -9.27 3.63 -3.21
CA LEU A 130 -10.41 3.21 -2.39
C LEU A 130 -11.08 1.94 -2.95
N CYS A 131 -11.23 1.80 -4.29
CA CYS A 131 -11.75 0.57 -4.92
C CYS A 131 -10.89 -0.62 -4.59
N GLY A 132 -9.57 -0.45 -4.73
CA GLY A 132 -8.58 -1.50 -4.43
C GLY A 132 -8.63 -1.93 -3.00
N ILE A 133 -8.68 -0.94 -2.07
CA ILE A 133 -8.85 -1.18 -0.62
C ILE A 133 -10.19 -1.87 -0.32
N LYS A 134 -11.29 -1.34 -0.88
CA LYS A 134 -12.65 -1.90 -0.69
C LYS A 134 -12.65 -3.38 -1.12
N HIS A 135 -11.98 -3.71 -2.23
CA HIS A 135 -11.91 -5.08 -2.72
C HIS A 135 -11.17 -5.99 -1.74
N LEU A 136 -10.07 -5.47 -1.14
CA LEU A 136 -9.28 -6.19 -0.15
C LEU A 136 -10.12 -6.47 1.09
N HIS A 137 -10.85 -5.45 1.56
CA HIS A 137 -11.76 -5.52 2.72
C HIS A 137 -12.85 -6.57 2.55
N SER A 138 -13.54 -6.58 1.37
CA SER A 138 -14.57 -7.55 0.99
C SER A 138 -14.13 -9.03 1.07
N ALA A 139 -12.80 -9.29 0.99
CA ALA A 139 -12.22 -10.63 1.15
C ALA A 139 -11.63 -10.86 2.56
N GLY A 140 -11.77 -9.88 3.46
CA GLY A 140 -11.26 -9.98 4.82
C GLY A 140 -9.81 -9.52 4.97
N ILE A 141 -9.25 -8.86 3.93
CA ILE A 141 -7.88 -8.33 3.95
C ILE A 141 -7.90 -6.85 4.38
N ILE A 142 -7.21 -6.56 5.47
CA ILE A 142 -7.01 -5.18 5.91
C ILE A 142 -5.54 -4.93 5.56
N HIS A 143 -5.27 -3.93 4.70
CA HIS A 143 -3.91 -3.69 4.21
C HIS A 143 -2.99 -3.28 5.38
N ARG A 144 -3.30 -2.13 6.02
CA ARG A 144 -2.59 -1.60 7.19
C ARG A 144 -1.21 -0.96 6.89
N ASP A 145 -0.58 -1.30 5.74
CA ASP A 145 0.75 -0.84 5.32
C ASP A 145 0.75 -0.01 4.03
N LEU A 146 -0.38 0.64 3.70
CA LEU A 146 -0.43 1.42 2.49
C LEU A 146 0.47 2.67 2.60
N LYS A 147 1.30 2.90 1.58
CA LYS A 147 2.20 4.06 1.53
C LYS A 147 2.39 4.44 0.05
N PRO A 148 2.80 5.67 -0.29
CA PRO A 148 2.97 6.01 -1.70
C PRO A 148 3.86 5.09 -2.54
N SER A 149 4.93 4.50 -1.95
CA SER A 149 5.87 3.65 -2.71
C SER A 149 5.24 2.34 -3.13
N ASN A 150 4.15 1.89 -2.45
CA ASN A 150 3.48 0.63 -2.83
C ASN A 150 2.20 0.84 -3.68
N ILE A 151 2.09 2.01 -4.29
CA ILE A 151 0.98 2.36 -5.17
C ILE A 151 1.59 2.83 -6.46
N VAL A 152 1.19 2.25 -7.59
CA VAL A 152 1.75 2.57 -8.90
C VAL A 152 0.73 3.14 -9.86
N VAL A 153 1.21 3.99 -10.79
CA VAL A 153 0.38 4.68 -11.78
C VAL A 153 0.87 4.53 -13.23
N LYS A 154 -0.08 4.50 -14.18
CA LYS A 154 0.21 4.44 -15.61
C LYS A 154 -0.13 5.79 -16.22
N SER A 155 0.37 6.04 -17.46
CA SER A 155 0.20 7.31 -18.21
C SER A 155 -1.25 7.76 -18.33
N ASP A 156 -2.17 6.81 -18.59
CA ASP A 156 -3.60 7.07 -18.72
C ASP A 156 -4.31 7.32 -17.33
N CYS A 157 -3.53 7.54 -16.25
CA CYS A 157 -4.04 7.77 -14.89
C CYS A 157 -4.60 6.53 -14.13
N THR A 158 -4.39 5.33 -14.68
CA THR A 158 -4.84 4.11 -14.00
C THR A 158 -3.90 3.82 -12.83
N LEU A 159 -4.46 3.31 -11.72
CA LEU A 159 -3.73 3.12 -10.47
C LEU A 159 -3.83 1.72 -9.97
N LYS A 160 -2.72 1.20 -9.40
CA LYS A 160 -2.70 -0.13 -8.83
C LYS A 160 -1.94 -0.19 -7.54
N ILE A 161 -2.53 -0.90 -6.57
CA ILE A 161 -1.90 -1.18 -5.29
C ILE A 161 -0.93 -2.37 -5.54
N LEU A 162 0.34 -2.23 -5.11
CA LEU A 162 1.41 -3.23 -5.32
C LEU A 162 1.44 -4.38 -4.36
N ASP A 163 1.05 -4.16 -3.11
CA ASP A 163 1.16 -5.21 -2.10
C ASP A 163 -0.12 -5.39 -1.27
N PHE A 164 -0.08 -6.33 -0.34
CA PHE A 164 -1.20 -6.69 0.51
C PHE A 164 -0.89 -6.39 1.96
N GLY A 165 0.13 -5.56 2.17
CA GLY A 165 0.57 -5.10 3.46
C GLY A 165 1.13 -6.22 4.31
N LEU A 166 0.27 -6.70 5.24
CA LEU A 166 0.46 -7.82 6.18
C LEU A 166 -0.72 -7.87 7.16
N SER A 173 7.49 -8.93 11.99
CA SER A 173 8.28 -8.82 13.22
C SER A 173 9.74 -8.40 12.93
N PHE A 174 10.74 -8.97 13.64
CA PHE A 174 12.15 -8.61 13.48
C PHE A 174 12.87 -9.26 12.29
N MET A 175 13.68 -8.44 11.61
CA MET A 175 14.55 -8.78 10.47
C MET A 175 15.69 -7.75 10.41
N MET A 176 16.79 -8.09 9.71
CA MET A 176 17.96 -7.22 9.60
C MET A 176 17.98 -6.44 8.28
N THR A 177 18.16 -5.10 8.39
CA THR A 177 18.22 -4.12 7.29
C THR A 177 16.98 -4.18 6.39
N VAL A 181 10.02 2.69 6.18
CA VAL A 181 9.45 4.04 6.23
C VAL A 181 7.94 4.07 5.96
N THR A 182 7.22 3.10 6.57
CA THR A 182 5.76 2.98 6.48
C THR A 182 5.13 3.77 7.63
N ARG A 183 5.91 3.98 8.71
CA ARG A 183 5.50 4.66 9.94
C ARG A 183 4.75 5.99 9.78
N TYR A 184 5.08 6.76 8.72
CA TYR A 184 4.46 8.07 8.47
C TYR A 184 2.98 7.93 8.16
N TYR A 185 2.61 6.77 7.61
CA TYR A 185 1.25 6.46 7.15
C TYR A 185 0.44 5.59 8.12
N ARG A 186 1.02 5.26 9.28
CA ARG A 186 0.40 4.46 10.32
C ARG A 186 -0.60 5.26 11.10
N ALA A 187 -1.79 4.67 11.28
CA ALA A 187 -2.93 5.21 11.98
C ALA A 187 -2.70 5.31 13.47
N PRO A 188 -3.33 6.26 14.18
CA PRO A 188 -3.13 6.32 15.64
C PRO A 188 -3.34 5.00 16.37
N GLU A 189 -4.32 4.19 15.94
CA GLU A 189 -4.58 2.90 16.60
C GLU A 189 -3.46 1.86 16.44
N VAL A 190 -2.61 1.99 15.40
CA VAL A 190 -1.47 1.12 15.17
C VAL A 190 -0.28 1.66 16.00
N ILE A 191 -0.11 3.00 16.02
CA ILE A 191 0.92 3.73 16.78
C ILE A 191 0.77 3.42 18.27
N LEU A 192 -0.47 3.56 18.79
CA LEU A 192 -0.79 3.39 20.21
C LEU A 192 -1.19 1.96 20.62
N GLY A 193 -0.93 0.99 19.74
CA GLY A 193 -1.18 -0.44 19.94
C GLY A 193 -2.56 -0.81 20.47
N MET A 194 -3.63 -0.24 19.90
CA MET A 194 -4.99 -0.50 20.35
C MET A 194 -5.87 -1.43 19.49
N GLY A 195 -5.27 -2.12 18.53
CA GLY A 195 -6.05 -2.93 17.61
C GLY A 195 -6.66 -2.05 16.53
N TYR A 196 -7.17 -2.66 15.48
CA TYR A 196 -7.71 -1.89 14.38
C TYR A 196 -8.87 -2.53 13.66
N LYS A 197 -9.63 -1.70 12.94
CA LYS A 197 -10.76 -2.08 12.10
C LYS A 197 -10.35 -1.82 10.64
N GLU A 198 -11.27 -2.04 9.69
CA GLU A 198 -11.04 -1.83 8.26
C GLU A 198 -10.61 -0.42 7.92
N ASN A 199 -11.20 0.59 8.59
CA ASN A 199 -10.86 2.02 8.31
C ASN A 199 -9.46 2.48 8.78
N VAL A 200 -8.62 1.55 9.26
CA VAL A 200 -7.23 1.83 9.60
C VAL A 200 -6.58 2.27 8.29
N ASP A 201 -7.06 1.68 7.16
CA ASP A 201 -6.60 1.96 5.81
C ASP A 201 -7.00 3.35 5.32
N LEU A 202 -8.10 3.92 5.86
CA LEU A 202 -8.55 5.27 5.45
C LEU A 202 -7.63 6.32 6.02
N TRP A 203 -7.01 6.03 7.18
CA TRP A 203 -6.04 6.97 7.76
C TRP A 203 -4.89 7.11 6.78
N SER A 204 -4.39 5.97 6.24
CA SER A 204 -3.26 5.93 5.30
C SER A 204 -3.61 6.66 4.01
N VAL A 205 -4.86 6.50 3.53
CA VAL A 205 -5.33 7.22 2.32
C VAL A 205 -5.33 8.74 2.62
N GLY A 206 -5.77 9.13 3.81
CA GLY A 206 -5.75 10.53 4.24
C GLY A 206 -4.35 11.11 4.19
N CYS A 207 -3.35 10.34 4.70
CA CYS A 207 -1.92 10.68 4.70
C CYS A 207 -1.41 10.85 3.30
N ILE A 208 -1.78 9.93 2.44
CA ILE A 208 -1.37 9.92 1.04
C ILE A 208 -2.02 11.10 0.32
N MET A 209 -3.35 11.29 0.50
CA MET A 209 -4.07 12.41 -0.12
C MET A 209 -3.50 13.76 0.32
N GLY A 210 -3.26 13.93 1.62
CA GLY A 210 -2.69 15.15 2.18
C GLY A 210 -1.38 15.50 1.51
N GLU A 211 -0.51 14.47 1.32
CA GLU A 211 0.78 14.54 0.69
C GLU A 211 0.68 14.88 -0.80
N MET A 212 -0.33 14.34 -1.50
CA MET A 212 -0.62 14.62 -2.93
C MET A 212 -1.02 16.10 -3.12
N VAL A 213 -1.60 16.72 -2.09
CA VAL A 213 -2.02 18.13 -2.08
C VAL A 213 -0.86 19.07 -1.72
N CYS A 214 -0.19 18.81 -0.58
CA CYS A 214 0.87 19.68 -0.09
C CYS A 214 2.29 19.32 -0.52
N HIS A 215 2.52 18.12 -1.12
CA HIS A 215 3.83 17.68 -1.65
C HIS A 215 4.90 17.39 -0.60
N LYS A 216 4.49 17.23 0.64
CA LYS A 216 5.38 16.87 1.73
C LYS A 216 4.68 15.87 2.64
N ILE A 217 5.48 14.98 3.25
CA ILE A 217 5.01 13.97 4.18
C ILE A 217 4.30 14.74 5.30
N LEU A 218 3.01 14.38 5.58
CA LEU A 218 2.23 15.09 6.61
C LEU A 218 2.78 14.90 8.02
N PHE A 219 3.09 13.63 8.39
CA PHE A 219 3.53 13.27 9.72
C PHE A 219 4.86 12.54 9.66
N PRO A 220 5.99 13.30 9.48
CA PRO A 220 7.29 12.63 9.33
C PRO A 220 8.00 12.36 10.67
N GLY A 221 7.42 11.48 11.48
CA GLY A 221 7.99 11.11 12.78
C GLY A 221 9.22 10.24 12.67
N ARG A 222 10.26 10.55 13.47
CA ARG A 222 11.54 9.81 13.48
C ARG A 222 11.40 8.44 14.14
N ASP A 223 10.30 8.21 14.87
CA ASP A 223 9.92 6.99 15.60
C ASP A 223 8.41 7.10 15.97
N TYR A 224 7.87 6.09 16.64
CA TYR A 224 6.47 6.03 17.05
C TYR A 224 6.04 7.10 18.06
N ILE A 225 6.94 7.52 18.95
CA ILE A 225 6.66 8.56 19.93
C ILE A 225 6.56 9.92 19.22
N ASP A 226 7.54 10.22 18.36
CA ASP A 226 7.58 11.44 17.56
C ASP A 226 6.42 11.45 16.57
N GLN A 227 6.11 10.26 15.99
CA GLN A 227 5.02 10.08 15.04
C GLN A 227 3.75 10.58 15.68
N TRP A 228 3.42 10.10 16.91
CA TRP A 228 2.25 10.57 17.69
C TRP A 228 2.24 12.10 17.86
N ASN A 229 3.42 12.68 18.22
CA ASN A 229 3.62 14.13 18.44
C ASN A 229 3.32 14.91 17.17
N LYS A 230 3.79 14.39 16.02
CA LYS A 230 3.52 15.00 14.71
C LYS A 230 2.00 15.01 14.42
N VAL A 231 1.31 13.89 14.71
CA VAL A 231 -0.14 13.80 14.51
C VAL A 231 -0.90 14.83 15.33
N ILE A 232 -0.64 14.87 16.65
CA ILE A 232 -1.30 15.78 17.59
C ILE A 232 -1.03 17.26 17.38
N GLU A 233 0.17 17.59 16.88
CA GLU A 233 0.52 18.99 16.58
C GLU A 233 -0.39 19.54 15.46
N GLN A 234 -0.65 18.73 14.41
CA GLN A 234 -1.46 19.17 13.27
C GLN A 234 -2.93 19.10 13.56
N LEU A 235 -3.40 17.98 14.12
CA LEU A 235 -4.83 17.71 14.34
C LEU A 235 -5.37 18.05 15.68
N GLY A 236 -4.50 18.19 16.66
CA GLY A 236 -4.89 18.48 18.02
C GLY A 236 -4.94 17.24 18.89
N THR A 237 -4.96 17.49 20.20
CA THR A 237 -5.06 16.46 21.23
C THR A 237 -6.45 15.83 21.07
N PRO A 238 -6.56 14.49 21.00
CA PRO A 238 -7.90 13.89 20.80
C PRO A 238 -8.84 14.06 22.00
N CYS A 239 -10.15 13.83 21.77
CA CYS A 239 -11.24 13.89 22.75
C CYS A 239 -10.95 13.01 23.98
N PRO A 240 -11.58 13.28 25.16
CA PRO A 240 -11.42 12.35 26.31
C PRO A 240 -12.01 10.97 25.98
N GLU A 241 -13.08 10.95 25.16
CA GLU A 241 -13.75 9.72 24.67
C GLU A 241 -12.71 8.77 24.00
N PHE A 242 -11.69 9.34 23.32
CA PHE A 242 -10.61 8.57 22.69
C PHE A 242 -9.66 8.00 23.76
N MET A 243 -9.23 8.85 24.72
CA MET A 243 -8.33 8.54 25.83
C MET A 243 -8.77 7.32 26.63
N LYS A 244 -10.09 7.18 26.85
CA LYS A 244 -10.75 6.09 27.60
C LYS A 244 -10.64 4.75 26.88
N LYS A 245 -10.27 4.77 25.58
CA LYS A 245 -10.16 3.57 24.75
C LYS A 245 -8.74 3.02 24.84
N LEU A 246 -7.84 3.80 25.45
CA LEU A 246 -6.44 3.43 25.59
C LEU A 246 -6.18 2.59 26.82
N GLN A 247 -5.26 1.60 26.72
CA GLN A 247 -4.78 0.74 27.81
C GLN A 247 -4.17 1.69 28.85
N PRO A 248 -4.22 1.40 30.17
CA PRO A 248 -3.68 2.34 31.16
C PRO A 248 -2.27 2.89 30.92
N THR A 249 -1.30 2.04 30.52
CA THR A 249 0.09 2.43 30.27
C THR A 249 0.24 3.42 29.09
N VAL A 250 -0.65 3.30 28.08
CA VAL A 250 -0.71 4.18 26.90
C VAL A 250 -1.50 5.43 27.32
N ARG A 251 -2.72 5.24 27.94
CA ARG A 251 -3.61 6.31 28.42
C ARG A 251 -2.87 7.31 29.29
N THR A 252 -1.90 6.83 30.10
CA THR A 252 -1.09 7.67 30.96
C THR A 252 -0.11 8.50 30.13
N TYR A 253 0.59 7.85 29.15
CA TYR A 253 1.55 8.49 28.23
C TYR A 253 0.90 9.58 27.35
N VAL A 254 -0.23 9.26 26.70
CA VAL A 254 -0.99 10.16 25.83
C VAL A 254 -1.55 11.37 26.62
N GLU A 255 -2.20 11.15 27.79
CA GLU A 255 -2.75 12.19 28.66
C GLU A 255 -1.67 13.14 29.22
N ASN A 256 -0.43 12.67 29.33
CA ASN A 256 0.70 13.44 29.89
C ASN A 256 1.56 14.17 28.86
N ARG A 257 1.15 14.12 27.60
CA ARG A 257 1.80 14.83 26.52
C ARG A 257 1.40 16.33 26.55
N PRO A 258 2.27 17.24 26.06
CA PRO A 258 1.84 18.63 25.86
C PRO A 258 0.52 18.65 25.06
N LYS A 259 -0.36 19.63 25.35
CA LYS A 259 -1.67 19.78 24.73
C LYS A 259 -1.60 20.61 23.47
N TYR A 260 -2.31 20.17 22.43
CA TYR A 260 -2.36 20.88 21.16
C TYR A 260 -3.80 21.10 20.72
N ALA A 261 -4.11 22.32 20.24
CA ALA A 261 -5.46 22.64 19.75
C ALA A 261 -5.65 22.12 18.32
N GLY A 262 -4.55 21.98 17.57
CA GLY A 262 -4.59 21.55 16.19
C GLY A 262 -4.96 22.69 15.26
N TYR A 263 -5.15 22.37 13.98
CA TYR A 263 -5.49 23.36 12.96
C TYR A 263 -6.72 22.88 12.21
N SER A 264 -7.54 23.84 11.74
CA SER A 264 -8.69 23.55 10.90
C SER A 264 -8.11 23.02 9.57
N PHE A 265 -8.88 22.24 8.83
CA PHE A 265 -8.42 21.73 7.54
C PHE A 265 -8.25 22.82 6.50
N GLU A 266 -8.91 23.98 6.71
CA GLU A 266 -8.76 25.19 5.93
C GLU A 266 -7.33 25.74 6.10
N LYS A 267 -6.79 25.72 7.34
CA LYS A 267 -5.39 26.16 7.59
C LYS A 267 -4.38 25.08 7.15
N LEU A 268 -4.72 23.77 7.33
CA LEU A 268 -3.81 22.67 6.91
C LEU A 268 -3.69 22.59 5.42
N PHE A 269 -4.83 22.70 4.73
CA PHE A 269 -4.91 22.57 3.29
C PHE A 269 -5.59 23.81 2.69
N PRO A 270 -4.88 24.97 2.63
CA PRO A 270 -5.51 26.19 2.07
C PRO A 270 -5.70 26.11 0.56
N ASP A 271 -6.54 27.00 -0.01
CA ASP A 271 -6.80 27.04 -1.46
C ASP A 271 -5.55 27.24 -2.32
N VAL A 272 -4.48 27.82 -1.74
CA VAL A 272 -3.20 28.03 -2.43
C VAL A 272 -2.53 26.71 -2.84
N LEU A 273 -2.82 25.60 -2.12
CA LEU A 273 -2.25 24.28 -2.40
C LEU A 273 -2.98 23.49 -3.48
N PHE A 274 -4.20 23.94 -3.84
CA PHE A 274 -5.07 23.28 -4.81
C PHE A 274 -5.29 24.11 -6.08
N PRO A 275 -5.73 23.47 -7.22
CA PRO A 275 -6.27 24.29 -8.33
C PRO A 275 -7.58 24.89 -7.74
N ALA A 276 -7.70 26.25 -7.77
CA ALA A 276 -8.84 26.97 -7.18
C ALA A 276 -9.14 28.31 -7.89
N ASP A 277 -8.81 28.39 -9.17
CA ASP A 277 -9.06 29.59 -9.99
C ASP A 277 -10.56 29.68 -10.27
N SER A 278 -11.08 28.76 -11.10
CA SER A 278 -12.48 28.68 -11.51
C SER A 278 -13.44 28.37 -10.37
N GLU A 279 -14.73 28.44 -10.69
CA GLU A 279 -15.78 28.07 -9.75
C GLU A 279 -15.78 26.53 -9.58
N HIS A 280 -15.50 25.80 -10.66
CA HIS A 280 -15.41 24.34 -10.63
C HIS A 280 -14.35 23.91 -9.63
N ASN A 281 -13.15 24.49 -9.73
CA ASN A 281 -12.02 24.13 -8.87
C ASN A 281 -12.21 24.55 -7.41
N LYS A 282 -12.89 25.69 -7.18
CA LYS A 282 -13.13 26.17 -5.83
C LYS A 282 -14.03 25.18 -5.10
N LEU A 283 -15.08 24.71 -5.81
CA LEU A 283 -16.01 23.73 -5.28
C LEU A 283 -15.28 22.41 -5.01
N LYS A 284 -14.47 21.93 -5.99
CA LYS A 284 -13.69 20.68 -5.81
C LYS A 284 -12.70 20.80 -4.63
N ALA A 285 -12.05 21.98 -4.46
CA ALA A 285 -11.09 22.16 -3.36
C ALA A 285 -11.78 22.06 -2.01
N SER A 286 -13.02 22.55 -1.93
CA SER A 286 -13.82 22.51 -0.72
C SER A 286 -14.23 21.05 -0.42
N GLN A 287 -14.61 20.31 -1.48
CA GLN A 287 -14.98 18.91 -1.39
C GLN A 287 -13.77 18.03 -0.98
N ALA A 288 -12.58 18.35 -1.52
CA ALA A 288 -11.36 17.59 -1.25
C ALA A 288 -10.96 17.82 0.19
N ARG A 289 -11.09 19.07 0.68
CA ARG A 289 -10.82 19.44 2.07
C ARG A 289 -11.72 18.68 3.04
N ASP A 290 -13.01 18.60 2.71
CA ASP A 290 -14.00 17.90 3.54
C ASP A 290 -13.62 16.40 3.63
N LEU A 291 -13.19 15.80 2.49
CA LEU A 291 -12.77 14.39 2.47
C LEU A 291 -11.54 14.19 3.34
N LEU A 292 -10.51 15.07 3.21
CA LEU A 292 -9.32 15.01 4.06
C LEU A 292 -9.70 15.07 5.52
N SER A 293 -10.68 15.90 5.87
CA SER A 293 -11.13 16.06 7.25
C SER A 293 -11.83 14.84 7.85
N LYS A 294 -12.33 13.93 7.00
CA LYS A 294 -13.03 12.72 7.45
C LYS A 294 -12.12 11.52 7.50
N MET A 295 -11.00 11.57 6.75
CA MET A 295 -10.01 10.51 6.73
C MET A 295 -9.00 10.68 7.89
N LEU A 296 -8.45 11.90 8.04
CA LEU A 296 -7.44 12.20 9.04
C LEU A 296 -8.12 12.47 10.37
N VAL A 297 -8.75 11.43 10.90
CA VAL A 297 -9.49 11.51 12.17
C VAL A 297 -8.79 10.51 13.05
N ILE A 298 -8.27 10.98 14.19
CA ILE A 298 -7.51 10.18 15.15
C ILE A 298 -8.30 9.00 15.66
N ASP A 299 -9.54 9.25 16.07
CA ASP A 299 -10.39 8.22 16.63
C ASP A 299 -11.01 7.48 15.51
N ALA A 300 -10.58 6.22 15.30
CA ALA A 300 -11.06 5.35 14.21
C ALA A 300 -12.60 5.16 14.20
N SER A 301 -13.26 5.23 15.37
CA SER A 301 -14.73 5.14 15.46
C SER A 301 -15.44 6.33 14.81
N LYS A 302 -14.75 7.47 14.67
CA LYS A 302 -15.33 8.66 14.08
C LYS A 302 -14.80 8.90 12.66
N ARG A 303 -13.89 8.02 12.19
CA ARG A 303 -13.26 8.12 10.86
C ARG A 303 -14.09 7.52 9.74
N ILE A 304 -14.01 8.13 8.54
CA ILE A 304 -14.73 7.69 7.34
C ILE A 304 -14.40 6.20 7.05
N SER A 305 -15.39 5.46 6.52
CA SER A 305 -15.19 4.08 6.09
C SER A 305 -14.85 4.18 4.59
N VAL A 306 -14.48 3.06 3.96
CA VAL A 306 -14.15 3.04 2.52
C VAL A 306 -15.38 3.32 1.69
N ASP A 307 -16.52 2.76 2.08
CA ASP A 307 -17.75 2.97 1.33
C ASP A 307 -18.24 4.39 1.44
N GLU A 308 -18.18 5.02 2.64
CA GLU A 308 -18.57 6.43 2.75
C GLU A 308 -17.59 7.29 1.90
N ALA A 309 -16.28 6.90 1.83
CA ALA A 309 -15.28 7.64 1.06
C ALA A 309 -15.54 7.55 -0.44
N LEU A 310 -15.95 6.38 -0.89
CA LEU A 310 -16.27 6.09 -2.28
C LEU A 310 -17.52 6.86 -2.69
N GLN A 311 -18.44 7.05 -1.75
CA GLN A 311 -19.69 7.77 -2.03
C GLN A 311 -19.58 9.27 -1.74
N HIS A 312 -18.39 9.74 -1.34
CA HIS A 312 -18.21 11.15 -0.99
C HIS A 312 -18.29 12.02 -2.28
N PRO A 313 -18.87 13.26 -2.22
CA PRO A 313 -18.98 14.11 -3.42
C PRO A 313 -17.73 14.25 -4.27
N TYR A 314 -16.54 14.31 -3.64
CA TYR A 314 -15.27 14.43 -4.36
C TYR A 314 -14.94 13.19 -5.21
N ILE A 315 -15.31 12.02 -4.71
CA ILE A 315 -14.99 10.72 -5.30
C ILE A 315 -16.04 10.13 -6.22
N ASN A 316 -17.34 10.24 -5.80
CA ASN A 316 -18.50 9.60 -6.40
C ASN A 316 -18.79 9.89 -7.87
N VAL A 317 -18.16 10.93 -8.44
CA VAL A 317 -18.30 11.23 -9.87
C VAL A 317 -17.77 10.05 -10.67
N TRP A 318 -16.84 9.25 -10.08
CA TRP A 318 -16.23 8.11 -10.79
C TRP A 318 -16.89 6.79 -10.44
N TYR A 319 -17.75 6.76 -9.40
CA TYR A 319 -18.35 5.54 -8.89
C TYR A 319 -18.86 4.57 -9.96
N ASP A 320 -18.33 3.34 -9.94
CA ASP A 320 -18.75 2.27 -10.84
C ASP A 320 -18.86 1.00 -9.99
N PRO A 321 -20.09 0.47 -9.77
CA PRO A 321 -20.24 -0.75 -8.94
C PRO A 321 -19.41 -1.96 -9.39
N SER A 322 -19.08 -2.08 -10.67
CA SER A 322 -18.24 -3.18 -11.13
C SER A 322 -16.81 -3.07 -10.55
N GLU A 323 -16.42 -1.85 -10.14
CA GLU A 323 -15.12 -1.54 -9.55
C GLU A 323 -15.21 -1.46 -8.04
N ALA A 324 -16.27 -0.77 -7.53
CA ALA A 324 -16.50 -0.55 -6.10
C ALA A 324 -17.28 -1.64 -5.36
N GLU A 325 -17.97 -2.52 -6.10
CA GLU A 325 -18.77 -3.58 -5.49
C GLU A 325 -18.50 -4.90 -6.22
N ALA A 326 -17.24 -5.07 -6.69
CA ALA A 326 -16.78 -6.25 -7.42
C ALA A 326 -16.91 -7.51 -6.55
N PRO A 327 -17.29 -8.69 -7.11
CA PRO A 327 -17.41 -9.88 -6.25
C PRO A 327 -16.09 -10.15 -5.52
N PRO A 328 -16.11 -10.37 -4.20
CA PRO A 328 -14.87 -10.60 -3.46
C PRO A 328 -14.01 -11.76 -3.98
N PRO A 329 -12.68 -11.67 -3.82
CA PRO A 329 -11.82 -12.82 -4.21
C PRO A 329 -12.02 -13.98 -3.23
N LYS A 330 -11.87 -15.21 -3.72
CA LYS A 330 -12.02 -16.38 -2.87
C LYS A 330 -10.64 -16.87 -2.43
N ILE A 331 -10.23 -16.48 -1.21
CA ILE A 331 -8.93 -16.88 -0.65
C ILE A 331 -9.08 -18.29 -0.09
N PRO A 332 -8.30 -19.29 -0.56
CA PRO A 332 -8.48 -20.66 -0.07
C PRO A 332 -8.20 -20.81 1.42
N ASP A 333 -9.24 -20.47 2.22
CA ASP A 333 -9.30 -20.49 3.69
C ASP A 333 -8.14 -19.85 4.45
N LYS A 334 -7.90 -20.33 5.69
CA LYS A 334 -6.89 -19.90 6.67
C LYS A 334 -5.43 -20.01 6.19
N GLN A 335 -5.20 -20.12 4.86
CA GLN A 335 -3.89 -20.22 4.21
C GLN A 335 -2.95 -19.07 4.60
N LEU A 336 -3.50 -17.89 4.98
CA LEU A 336 -2.73 -16.70 5.39
C LEU A 336 -2.91 -16.35 6.89
N ASP A 337 -3.25 -17.35 7.73
CA ASP A 337 -3.41 -17.10 9.17
C ASP A 337 -2.09 -16.76 9.90
N GLU A 338 -0.95 -16.88 9.21
CA GLU A 338 0.41 -16.58 9.70
C GLU A 338 0.87 -17.44 10.88
N ARG A 339 0.42 -18.72 10.90
CA ARG A 339 0.85 -19.67 11.94
C ARG A 339 2.37 -19.83 11.79
N GLU A 340 3.07 -19.95 12.90
CA GLU A 340 4.53 -20.11 12.93
C GLU A 340 4.92 -21.38 12.18
N HIS A 341 5.94 -21.28 11.31
CA HIS A 341 6.49 -22.43 10.59
C HIS A 341 8.01 -22.43 10.72
N THR A 342 8.69 -23.58 10.49
CA THR A 342 10.15 -23.58 10.53
C THR A 342 10.66 -23.03 9.19
N ILE A 343 11.98 -22.78 9.07
CA ILE A 343 12.60 -22.31 7.84
C ILE A 343 12.32 -23.29 6.73
N GLU A 344 12.46 -24.60 7.02
CA GLU A 344 12.19 -25.62 6.01
C GLU A 344 10.73 -25.81 5.66
N GLU A 345 9.83 -25.57 6.63
CA GLU A 345 8.38 -25.65 6.39
C GLU A 345 7.96 -24.51 5.44
N TRP A 346 8.41 -23.28 5.69
CA TRP A 346 8.15 -22.12 4.82
C TRP A 346 8.73 -22.34 3.42
N LYS A 347 9.97 -22.89 3.35
CA LYS A 347 10.66 -23.24 2.13
C LYS A 347 9.80 -24.15 1.27
N GLU A 348 9.12 -25.13 1.91
CA GLU A 348 8.24 -26.09 1.23
C GLU A 348 6.93 -25.47 0.79
N LEU A 349 6.28 -24.70 1.70
CA LEU A 349 5.02 -24.03 1.44
C LEU A 349 5.12 -23.09 0.26
N ILE A 350 6.22 -22.31 0.22
CA ILE A 350 6.51 -21.37 -0.84
C ILE A 350 6.75 -22.11 -2.15
N TYR A 351 7.67 -23.10 -2.16
CA TYR A 351 7.98 -23.92 -3.35
C TYR A 351 6.74 -24.52 -4.02
N LYS A 352 5.82 -25.08 -3.19
CA LYS A 352 4.55 -25.69 -3.61
C LYS A 352 3.62 -24.66 -4.25
N GLU A 353 3.60 -23.41 -3.72
CA GLU A 353 2.80 -22.32 -4.28
C GLU A 353 3.36 -21.93 -5.63
N VAL A 354 4.71 -21.90 -5.78
CA VAL A 354 5.42 -21.56 -7.02
C VAL A 354 5.18 -22.59 -8.12
N MET A 355 5.42 -23.88 -7.80
CA MET A 355 5.21 -25.02 -8.72
C MET A 355 3.73 -25.29 -9.00
N ASP A 356 2.84 -24.89 -8.05
CA ASP A 356 1.37 -25.07 -8.02
C ASP A 356 0.99 -26.43 -7.46
S SO4 B . 9.33 -2.68 1.34
O1 SO4 B . 8.75 -3.28 2.55
O2 SO4 B . 10.74 -3.09 1.22
O3 SO4 B . 8.60 -3.13 0.15
O4 SO4 B . 9.26 -1.21 1.46
S SO4 C . 1.27 -16.51 -21.09
O1 SO4 C . 0.35 -17.29 -20.25
O2 SO4 C . 2.58 -17.16 -21.17
O3 SO4 C . 0.70 -16.38 -22.48
O4 SO4 C . 1.44 -15.18 -20.51
S SO4 D . -10.72 12.84 17.70
O1 SO4 D . -10.64 11.72 16.73
O2 SO4 D . -9.45 13.63 17.64
O3 SO4 D . -11.88 13.74 17.31
O4 SO4 D . -10.94 12.35 19.10
S SO4 E . 7.48 0.88 10.65
O1 SO4 E . 7.50 -0.57 10.87
O2 SO4 E . 8.49 1.53 11.50
O3 SO4 E . 7.77 1.15 9.24
O4 SO4 E . 6.17 1.42 10.97
C1 CFK F . 10.18 -2.39 -4.73
C2 CFK F . 9.02 -3.13 -4.95
C3 CFK F . 8.27 -2.90 -6.11
C4 CFK F . 8.69 -1.93 -7.04
C5 CFK F . 9.88 -1.22 -6.81
C6 CFK F . 10.62 -1.44 -5.65
C7 CFK F . 7.91 -1.71 -8.29
C8 CFK F . 7.99 -0.64 -9.11
C9 CFK F . 7.16 -0.67 -10.23
C10 CFK F . 6.43 -1.85 -10.35
S11 CFK F . 6.80 -2.90 -8.97
C12 CFK F . 5.50 -2.18 -11.39
O13 CFK F . 5.30 -1.40 -12.30
N14 CFK F . 4.81 -3.33 -11.38
N15 CFK F . 7.17 0.32 -11.23
C16 CFK F . 7.57 1.60 -11.11
O17 CFK F . 7.96 2.08 -10.05
N18 CFK F . 7.54 2.39 -12.20
#